data_4XC1
#
_entry.id   4XC1
#
_cell.length_a   158.314
_cell.length_b   44.739
_cell.length_c   86.143
_cell.angle_alpha   90.00
_cell.angle_beta   113.04
_cell.angle_gamma   90.00
#
_symmetry.space_group_name_H-M   'C 1 2 1'
#
loop_
_entity.id
_entity.type
_entity.pdbx_description
1 polymer '4E10 FAB LIGHT CHAIN'
2 polymer '4E10 FAB HEAVY CHAIN'
3 polymer 'MODIFIED FRAGMENT OF HIV-1 GLYCOPROTEIN (GP41) INCLUDING THE MPER REGION 671-683'
4 non-polymer 'CYCLOHEXYLAMMONIUM ION'
5 non-polymer SN-GLYCEROL-3-PHOSPHATE
6 water water
#
loop_
_entity_poly.entity_id
_entity_poly.type
_entity_poly.pdbx_seq_one_letter_code
_entity_poly.pdbx_strand_id
1 'polypeptide(L)'
;EIVLTQSPGTQSLSPGERATLSCRASQSVGNNKLAWYQQRPGQAPRLLIYGASSRPSGVADRFSGSGSGTDFTLTISRLE
PEDFAVYYCQQYGQSLSTFGQGTKVEVKRTVAAPSVFIFPPSDEQLKSGTASVVCLLNNFYPREAKVQWKVDNALQSGNS
QESVTEQDSKDSTYSLSSTLTLSKADYEKHKVYACEVTHQGLSSPVTKSFNRGEC
;
L
2 'polypeptide(L)'
;QVQLVQSGAEVKRPGSSVTVSCKASGGSFSTYALSWVRQAPGRGLEWMGGVIPLLTITNYAPRFQGRITITADRSTSTAY
LELNSLRPEDTAVYYCAREGTTGWGWLGKPIGAFAHWGQGTLVTVSSASTKGPSVFPLAPSSKSTSGGTAALGCLVKDYF
PEPVTVSWNSGALTSGVHTFPAVLQSSGLYSLSSVVTVPSSSLGTQTYICNVNHKPSNTKVDKKVEPKSC
;
H
3 'polypeptide(L)' NW(41H)DITNWLWYIKKKK P
#
# COMPACT_ATOMS: atom_id res chain seq x y z
N GLU A 1 -3.92 2.70 -27.12
CA GLU A 1 -4.09 2.25 -25.74
C GLU A 1 -5.33 2.88 -25.11
N ILE A 2 -6.14 2.06 -24.45
CA ILE A 2 -7.33 2.60 -23.81
C ILE A 2 -7.01 3.12 -22.41
N VAL A 3 -7.20 4.42 -22.21
CA VAL A 3 -6.99 5.03 -20.92
C VAL A 3 -8.30 5.01 -20.14
N LEU A 4 -8.26 4.47 -18.92
CA LEU A 4 -9.42 4.45 -18.04
C LEU A 4 -9.29 5.51 -16.96
N THR A 5 -10.32 6.34 -16.84
N THR A 5 -10.31 6.37 -16.86
CA THR A 5 -10.31 7.42 -15.86
CA THR A 5 -10.29 7.42 -15.85
C THR A 5 -11.32 7.18 -14.74
C THR A 5 -11.31 7.17 -14.73
N GLN A 6 -10.81 7.08 -13.51
CA GLN A 6 -11.65 6.95 -12.33
C GLN A 6 -11.58 8.24 -11.55
N SER A 7 -12.65 9.02 -11.62
CA SER A 7 -12.70 10.33 -10.97
C SER A 7 -14.00 10.46 -10.18
N PRO A 8 -13.92 10.93 -8.91
CA PRO A 8 -12.74 11.31 -8.13
C PRO A 8 -11.91 10.12 -7.69
N GLY A 9 -10.67 10.37 -7.30
CA GLY A 9 -9.76 9.33 -6.83
C GLY A 9 -10.04 8.89 -5.40
N THR A 10 -10.83 9.69 -4.68
CA THR A 10 -11.26 9.39 -3.32
C THR A 10 -12.73 9.79 -3.14
N GLN A 11 -13.50 8.95 -2.46
CA GLN A 11 -14.85 9.34 -2.06
C GLN A 11 -14.99 9.14 -0.57
N SER A 12 -15.42 10.19 0.12
CA SER A 12 -15.69 10.14 1.55
C SER A 12 -17.19 9.92 1.76
N LEU A 13 -17.56 8.74 2.25
CA LEU A 13 -18.98 8.39 2.38
C LEU A 13 -19.29 7.82 3.76
N SER A 14 -20.56 7.88 4.16
CA SER A 14 -20.97 7.37 5.47
C SER A 14 -21.32 5.88 5.40
N PRO A 15 -21.07 5.16 6.50
CA PRO A 15 -21.55 3.78 6.59
C PRO A 15 -23.04 3.72 6.24
N GLY A 16 -23.43 2.75 5.43
CA GLY A 16 -24.82 2.61 5.04
C GLY A 16 -25.24 3.43 3.83
N GLU A 17 -24.37 4.32 3.37
CA GLU A 17 -24.67 5.15 2.21
C GLU A 17 -24.48 4.35 0.91
N ARG A 18 -25.17 4.77 -0.14
CA ARG A 18 -24.97 4.23 -1.48
C ARG A 18 -23.74 4.87 -2.11
N ALA A 19 -22.94 4.08 -2.82
CA ALA A 19 -21.77 4.58 -3.51
C ALA A 19 -21.88 4.31 -5.00
N THR A 20 -21.55 5.32 -5.80
CA THR A 20 -21.44 5.11 -7.23
C THR A 20 -20.06 5.56 -7.70
N LEU A 21 -19.36 4.65 -8.37
CA LEU A 21 -18.00 4.88 -8.81
C LEU A 21 -17.95 4.84 -10.31
N SER A 22 -17.38 5.87 -10.92
CA SER A 22 -17.32 5.99 -12.37
CA SER A 22 -17.32 5.95 -12.37
C SER A 22 -15.99 5.49 -12.94
N CYS A 23 -16.07 4.86 -14.11
CA CYS A 23 -14.88 4.49 -14.89
C CYS A 23 -15.16 4.88 -16.33
N ARG A 24 -14.44 5.88 -16.84
CA ARG A 24 -14.64 6.32 -18.21
CA ARG A 24 -14.63 6.34 -18.21
C ARG A 24 -13.45 5.96 -19.10
N ALA A 25 -13.74 5.37 -20.25
CA ALA A 25 -12.71 4.92 -21.19
C ALA A 25 -12.48 5.92 -22.31
N SER A 26 -11.24 6.03 -22.75
CA SER A 26 -10.87 6.97 -23.81
C SER A 26 -11.44 6.55 -25.16
N GLN A 27 -11.81 5.28 -25.28
CA GLN A 27 -12.51 4.79 -26.46
C GLN A 27 -13.36 3.59 -26.05
N SER A 28 -14.27 3.17 -26.94
CA SER A 28 -15.19 2.09 -26.63
CA SER A 28 -15.19 2.08 -26.65
C SER A 28 -14.45 0.81 -26.23
N VAL A 29 -14.92 0.18 -25.16
CA VAL A 29 -14.32 -1.07 -24.70
C VAL A 29 -14.99 -2.25 -25.39
N GLY A 30 -14.24 -2.97 -26.21
CA GLY A 30 -14.78 -4.09 -26.97
C GLY A 30 -15.50 -5.12 -26.11
N ASN A 31 -16.72 -5.46 -26.53
CA ASN A 31 -17.52 -6.52 -25.91
C ASN A 31 -17.78 -6.35 -24.40
N ASN A 32 -17.81 -5.10 -23.95
CA ASN A 32 -18.01 -4.79 -22.54
C ASN A 32 -17.04 -5.54 -21.62
N LYS A 33 -15.84 -5.78 -22.12
CA LYS A 33 -14.81 -6.46 -21.34
CA LYS A 33 -14.82 -6.45 -21.34
C LYS A 33 -14.22 -5.50 -20.31
N LEU A 34 -15.01 -5.24 -19.26
CA LEU A 34 -14.67 -4.31 -18.20
C LEU A 34 -14.87 -5.00 -16.86
N ALA A 35 -13.84 -4.99 -16.01
CA ALA A 35 -13.94 -5.62 -14.69
C ALA A 35 -13.71 -4.62 -13.57
N TRP A 36 -14.21 -4.96 -12.39
CA TRP A 36 -13.96 -4.19 -11.18
C TRP A 36 -13.32 -5.07 -10.10
N TYR A 37 -12.33 -4.50 -9.39
CA TYR A 37 -11.63 -5.20 -8.32
C TYR A 37 -11.69 -4.38 -7.05
N GLN A 38 -11.69 -5.07 -5.92
CA GLN A 38 -11.56 -4.45 -4.60
C GLN A 38 -10.18 -4.78 -4.06
N GLN A 39 -9.55 -3.82 -3.39
CA GLN A 39 -8.29 -4.11 -2.72
C GLN A 39 -8.22 -3.42 -1.36
N ARG A 40 -7.95 -4.20 -0.32
N ARG A 40 -7.96 -4.21 -0.33
CA ARG A 40 -7.71 -3.65 1.01
CA ARG A 40 -7.72 -3.69 1.01
C ARG A 40 -6.22 -3.65 1.25
C ARG A 40 -6.21 -3.63 1.23
N PRO A 41 -5.74 -2.74 2.13
CA PRO A 41 -4.30 -2.63 2.39
C PRO A 41 -3.67 -3.96 2.80
N GLY A 42 -2.54 -4.29 2.21
CA GLY A 42 -1.84 -5.52 2.52
C GLY A 42 -2.43 -6.79 1.92
N GLN A 43 -3.48 -6.65 1.12
CA GLN A 43 -4.09 -7.81 0.46
C GLN A 43 -4.02 -7.75 -1.06
N ALA A 44 -4.09 -8.91 -1.70
CA ALA A 44 -4.24 -8.98 -3.13
C ALA A 44 -5.61 -8.45 -3.55
N PRO A 45 -5.72 -7.93 -4.78
CA PRO A 45 -7.02 -7.51 -5.33
C PRO A 45 -7.98 -8.69 -5.40
N ARG A 46 -9.27 -8.37 -5.41
CA ARG A 46 -10.33 -9.37 -5.49
CA ARG A 46 -10.34 -9.36 -5.47
C ARG A 46 -11.36 -8.97 -6.54
N LEU A 47 -11.69 -9.91 -7.42
CA LEU A 47 -12.62 -9.65 -8.50
C LEU A 47 -14.05 -9.50 -7.99
N LEU A 48 -14.69 -8.38 -8.34
CA LEU A 48 -16.10 -8.16 -7.97
C LEU A 48 -17.07 -8.32 -9.14
N ILE A 49 -16.67 -7.80 -10.29
CA ILE A 49 -17.53 -7.74 -11.47
C ILE A 49 -16.68 -8.02 -12.69
N TYR A 50 -17.19 -8.83 -13.62
CA TYR A 50 -16.55 -8.97 -14.93
C TYR A 50 -17.59 -8.78 -16.03
N GLY A 51 -17.11 -8.51 -17.25
CA GLY A 51 -18.02 -8.29 -18.37
C GLY A 51 -19.00 -7.17 -18.10
N ALA A 52 -18.52 -6.12 -17.41
CA ALA A 52 -19.31 -4.92 -17.05
C ALA A 52 -20.36 -5.15 -15.96
N SER A 53 -21.05 -6.30 -15.97
CA SER A 53 -22.19 -6.46 -15.07
C SER A 53 -22.34 -7.84 -14.42
N SER A 54 -21.45 -8.77 -14.76
CA SER A 54 -21.53 -10.13 -14.22
C SER A 54 -20.84 -10.25 -12.86
N ARG A 55 -21.50 -10.91 -11.92
CA ARG A 55 -20.99 -11.03 -10.56
CA ARG A 55 -20.96 -11.03 -10.58
C ARG A 55 -20.65 -12.48 -10.24
N PRO A 56 -19.37 -12.76 -9.92
CA PRO A 56 -19.00 -14.13 -9.53
C PRO A 56 -19.78 -14.62 -8.32
N SER A 57 -19.97 -15.93 -8.19
CA SER A 57 -20.60 -16.45 -6.99
C SER A 57 -19.70 -16.13 -5.79
N GLY A 58 -20.31 -15.82 -4.66
CA GLY A 58 -19.55 -15.51 -3.48
C GLY A 58 -19.37 -14.03 -3.29
N VAL A 59 -19.43 -13.26 -4.37
CA VAL A 59 -19.40 -11.80 -4.26
C VAL A 59 -20.75 -11.27 -3.83
N ALA A 60 -20.76 -10.38 -2.84
CA ALA A 60 -22.03 -9.86 -2.30
C ALA A 60 -22.85 -9.11 -3.35
N ASP A 61 -24.17 -9.32 -3.33
CA ASP A 61 -25.00 -8.75 -4.37
C ASP A 61 -25.32 -7.29 -4.09
N ARG A 62 -24.68 -6.69 -3.09
CA ARG A 62 -24.79 -5.25 -2.95
C ARG A 62 -23.83 -4.55 -3.91
N PHE A 63 -22.94 -5.32 -4.54
CA PHE A 63 -22.07 -4.80 -5.62
C PHE A 63 -22.73 -5.05 -6.97
N SER A 64 -22.90 -4.02 -7.78
CA SER A 64 -23.43 -4.21 -9.13
CA SER A 64 -23.45 -4.18 -9.12
C SER A 64 -22.70 -3.32 -10.12
N GLY A 65 -22.50 -3.85 -11.32
CA GLY A 65 -21.85 -3.12 -12.38
C GLY A 65 -22.83 -2.84 -13.48
N SER A 66 -22.65 -1.69 -14.12
CA SER A 66 -23.50 -1.30 -15.22
C SER A 66 -22.68 -0.48 -16.20
N GLY A 67 -23.28 -0.21 -17.37
CA GLY A 67 -22.62 0.59 -18.38
C GLY A 67 -22.19 -0.17 -19.62
N SER A 68 -21.77 0.58 -20.62
CA SER A 68 -21.36 0.02 -21.91
CA SER A 68 -21.36 0.02 -21.91
C SER A 68 -20.58 1.08 -22.68
N GLY A 69 -19.82 0.66 -23.69
CA GLY A 69 -19.07 1.58 -24.51
C GLY A 69 -17.92 2.25 -23.79
N THR A 70 -18.12 3.49 -23.37
CA THR A 70 -17.06 4.21 -22.68
C THR A 70 -17.41 4.53 -21.23
N ASP A 71 -18.66 4.31 -20.84
CA ASP A 71 -19.15 4.79 -19.52
C ASP A 71 -19.55 3.64 -18.63
N PHE A 72 -18.79 3.40 -17.56
CA PHE A 72 -19.07 2.28 -16.67
C PHE A 72 -19.22 2.72 -15.22
N THR A 73 -20.06 2.03 -14.47
CA THR A 73 -20.33 2.39 -13.08
C THR A 73 -20.32 1.15 -12.19
N LEU A 74 -19.65 1.26 -11.04
CA LEU A 74 -19.79 0.29 -9.96
C LEU A 74 -20.69 0.91 -8.92
N THR A 75 -21.76 0.22 -8.56
CA THR A 75 -22.66 0.72 -7.52
C THR A 75 -22.57 -0.19 -6.30
N ILE A 76 -22.41 0.41 -5.13
CA ILE A 76 -22.49 -0.33 -3.89
C ILE A 76 -23.75 0.17 -3.19
N SER A 77 -24.75 -0.69 -3.12
CA SER A 77 -26.10 -0.27 -2.71
C SER A 77 -26.11 0.31 -1.31
N ARG A 78 -25.32 -0.30 -0.42
N ARG A 78 -25.35 -0.31 -0.42
CA ARG A 78 -25.27 0.12 0.98
CA ARG A 78 -25.25 0.15 0.95
C ARG A 78 -23.92 -0.24 1.56
C ARG A 78 -23.88 -0.23 1.46
N LEU A 79 -23.13 0.77 1.93
CA LEU A 79 -21.77 0.51 2.39
C LEU A 79 -21.70 -0.18 3.73
N GLU A 80 -21.13 -1.38 3.74
CA GLU A 80 -20.79 -2.07 4.97
C GLU A 80 -19.39 -1.65 5.43
N PRO A 81 -19.05 -1.91 6.71
CA PRO A 81 -17.71 -1.50 7.18
C PRO A 81 -16.58 -2.09 6.35
N GLU A 82 -16.75 -3.30 5.83
CA GLU A 82 -15.67 -3.93 5.08
C GLU A 82 -15.58 -3.37 3.65
N ASP A 83 -16.50 -2.49 3.28
CA ASP A 83 -16.55 -2.01 1.89
C ASP A 83 -15.66 -0.79 1.68
N PHE A 84 -15.15 -0.23 2.78
CA PHE A 84 -14.23 0.89 2.68
C PHE A 84 -12.85 0.35 2.32
N ALA A 85 -12.44 0.68 1.10
CA ALA A 85 -11.34 0.01 0.42
C ALA A 85 -11.08 0.73 -0.90
N VAL A 86 -10.14 0.21 -1.69
CA VAL A 86 -9.82 0.81 -2.99
C VAL A 86 -10.45 -0.04 -4.08
N TYR A 87 -11.04 0.62 -5.07
CA TYR A 87 -11.69 -0.05 -6.19
C TYR A 87 -11.03 0.31 -7.52
N TYR A 88 -10.72 -0.69 -8.34
CA TYR A 88 -10.09 -0.48 -9.63
C TYR A 88 -10.99 -1.00 -10.73
N CYS A 89 -11.10 -0.25 -11.83
CA CYS A 89 -11.65 -0.84 -13.04
C CYS A 89 -10.50 -1.28 -13.97
N GLN A 90 -10.82 -2.21 -14.84
CA GLN A 90 -9.85 -2.82 -15.76
C GLN A 90 -10.53 -3.14 -17.07
N GLN A 91 -9.92 -2.78 -18.19
CA GLN A 91 -10.48 -3.22 -19.47
C GLN A 91 -9.58 -4.29 -20.07
N TYR A 92 -10.20 -5.28 -20.70
CA TYR A 92 -9.46 -6.34 -21.37
C TYR A 92 -10.10 -6.59 -22.74
N GLY A 93 -10.51 -5.50 -23.39
CA GLY A 93 -11.10 -5.55 -24.71
C GLY A 93 -10.09 -5.43 -25.82
N GLN A 94 -8.85 -5.13 -25.44
CA GLN A 94 -7.72 -5.11 -26.36
C GLN A 94 -6.62 -5.98 -25.78
N SER A 95 -5.68 -6.43 -26.62
CA SER A 95 -4.58 -7.24 -26.12
C SER A 95 -3.80 -6.48 -25.05
N LEU A 96 -3.73 -5.16 -25.17
CA LEU A 96 -3.16 -4.34 -24.10
C LEU A 96 -4.22 -4.04 -23.07
N SER A 97 -4.17 -4.75 -21.96
CA SER A 97 -5.12 -4.52 -20.87
C SER A 97 -4.61 -3.38 -20.00
N THR A 98 -5.54 -2.56 -19.51
CA THR A 98 -5.18 -1.45 -18.66
C THR A 98 -6.11 -1.34 -17.44
N PHE A 99 -5.59 -0.76 -16.36
CA PHE A 99 -6.36 -0.44 -15.15
C PHE A 99 -6.60 1.06 -15.01
N GLY A 100 -7.73 1.44 -14.42
CA GLY A 100 -7.91 2.79 -13.91
C GLY A 100 -6.96 3.04 -12.74
N GLN A 101 -6.83 4.27 -12.27
CA GLN A 101 -5.84 4.54 -11.23
CA GLN A 101 -5.85 4.58 -11.24
C GLN A 101 -6.37 4.23 -9.83
N GLY A 102 -7.64 3.82 -9.75
CA GLY A 102 -8.23 3.44 -8.47
C GLY A 102 -8.95 4.55 -7.74
N THR A 103 -10.03 4.18 -7.05
CA THR A 103 -10.78 5.10 -6.21
C THR A 103 -10.84 4.54 -4.81
N LYS A 104 -10.36 5.33 -3.86
N LYS A 104 -10.36 5.33 -3.85
CA LYS A 104 -10.44 4.95 -2.45
CA LYS A 104 -10.44 4.95 -2.45
C LYS A 104 -11.76 5.42 -1.87
C LYS A 104 -11.76 5.42 -1.86
N VAL A 105 -12.55 4.48 -1.35
CA VAL A 105 -13.75 4.83 -0.63
C VAL A 105 -13.42 4.83 0.85
N GLU A 106 -13.47 6.00 1.47
CA GLU A 106 -13.11 6.12 2.88
C GLU A 106 -14.28 6.62 3.71
N VAL A 107 -14.16 6.47 5.03
CA VAL A 107 -15.24 6.79 5.93
C VAL A 107 -15.34 8.28 6.23
N LYS A 108 -16.48 8.88 5.90
N LYS A 108 -16.47 8.85 5.88
CA LYS A 108 -16.71 10.27 6.25
CA LYS A 108 -16.80 10.20 6.27
C LYS A 108 -17.20 10.41 7.68
C LYS A 108 -17.12 10.27 7.76
N ARG A 109 -16.49 11.22 8.46
CA ARG A 109 -16.81 11.47 9.86
C ARG A 109 -16.69 12.96 10.11
N THR A 110 -16.99 13.40 11.33
CA THR A 110 -16.88 14.82 11.64
C THR A 110 -15.42 15.28 11.62
N VAL A 111 -15.24 16.57 11.42
CA VAL A 111 -13.90 17.15 11.39
C VAL A 111 -13.25 17.00 12.76
N ALA A 112 -11.96 16.63 12.78
CA ALA A 112 -11.19 16.55 14.00
C ALA A 112 -9.83 17.20 13.75
N ALA A 113 -9.52 18.22 14.52
CA ALA A 113 -8.21 18.85 14.41
C ALA A 113 -7.15 17.90 14.95
N PRO A 114 -5.93 17.96 14.38
CA PRO A 114 -4.84 17.15 14.94
C PRO A 114 -4.44 17.62 16.34
N SER A 115 -4.17 16.65 17.21
CA SER A 115 -3.45 16.93 18.44
C SER A 115 -1.98 16.78 18.14
N VAL A 116 -1.19 17.83 18.41
CA VAL A 116 0.19 17.85 17.97
C VAL A 116 1.17 17.68 19.14
N PHE A 117 2.20 16.88 18.91
CA PHE A 117 3.22 16.60 19.90
C PHE A 117 4.59 16.68 19.24
N ILE A 118 5.57 17.24 19.94
CA ILE A 118 6.93 17.23 19.42
C ILE A 118 7.87 16.50 20.39
N PHE A 119 8.80 15.74 19.81
CA PHE A 119 9.75 14.94 20.57
C PHE A 119 11.18 15.31 20.21
N PRO A 120 11.96 15.79 21.18
CA PRO A 120 13.38 15.97 20.90
C PRO A 120 14.08 14.63 20.71
N PRO A 121 15.27 14.64 20.11
CA PRO A 121 16.06 13.41 20.00
C PRO A 121 16.42 12.87 21.37
N SER A 122 16.46 11.54 21.47
CA SER A 122 16.87 10.86 22.69
C SER A 122 18.35 11.10 22.96
N ASP A 123 18.72 11.07 24.23
CA ASP A 123 20.13 11.13 24.59
C ASP A 123 20.90 9.98 23.96
N GLU A 124 20.26 8.82 23.89
N GLU A 124 20.25 8.82 23.89
N GLU A 124 20.25 8.83 23.87
CA GLU A 124 20.88 7.63 23.29
CA GLU A 124 20.86 7.63 23.30
CA GLU A 124 20.87 7.64 23.30
C GLU A 124 21.26 7.86 21.82
C GLU A 124 21.24 7.86 21.84
C GLU A 124 21.22 7.83 21.82
N GLN A 125 20.35 8.47 21.07
CA GLN A 125 20.61 8.72 19.66
C GLN A 125 21.71 9.77 19.51
N LEU A 126 21.65 10.80 20.35
CA LEU A 126 22.66 11.86 20.25
C LEU A 126 24.08 11.30 20.43
N LYS A 127 24.23 10.28 21.29
CA LYS A 127 25.52 9.66 21.50
C LYS A 127 26.08 9.04 20.22
N SER A 128 25.19 8.66 19.31
CA SER A 128 25.58 8.00 18.07
C SER A 128 25.96 9.00 16.98
N GLY A 129 25.67 10.28 17.22
CA GLY A 129 26.08 11.34 16.32
C GLY A 129 25.03 11.87 15.37
N THR A 130 23.77 11.46 15.59
CA THR A 130 22.67 11.91 14.76
CA THR A 130 22.67 11.91 14.76
C THR A 130 21.53 12.41 15.63
N ALA A 131 20.70 13.30 15.08
CA ALA A 131 19.56 13.84 15.81
C ALA A 131 18.29 13.72 14.96
N SER A 132 17.33 12.95 15.47
CA SER A 132 16.02 12.86 14.86
C SER A 132 15.01 13.56 15.72
N VAL A 133 14.34 14.55 15.15
CA VAL A 133 13.30 15.28 15.84
C VAL A 133 11.95 14.83 15.27
N VAL A 134 11.01 14.43 16.11
CA VAL A 134 9.75 13.88 15.58
C VAL A 134 8.53 14.73 15.96
N CYS A 135 7.66 14.96 14.99
CA CYS A 135 6.41 15.68 15.21
CA CYS A 135 6.41 15.64 15.27
C CYS A 135 5.24 14.75 14.90
N LEU A 136 4.33 14.58 15.87
CA LEU A 136 3.18 13.71 15.71
C LEU A 136 1.93 14.56 15.54
N LEU A 137 1.16 14.28 14.50
CA LEU A 137 -0.17 14.88 14.31
C LEU A 137 -1.15 13.74 14.54
N ASN A 138 -1.87 13.79 15.65
CA ASN A 138 -2.67 12.62 16.03
C ASN A 138 -4.17 12.79 15.85
N ASN A 139 -4.78 11.74 15.29
CA ASN A 139 -6.25 11.57 15.27
C ASN A 139 -7.00 12.74 14.64
N PHE A 140 -6.71 13.02 13.38
CA PHE A 140 -7.38 14.11 12.68
C PHE A 140 -8.23 13.61 11.52
N TYR A 141 -9.17 14.45 11.09
CA TYR A 141 -10.00 14.19 9.92
C TYR A 141 -10.46 15.54 9.37
N PRO A 142 -10.39 15.73 8.04
CA PRO A 142 -9.99 14.81 6.96
C PRO A 142 -8.47 14.62 6.82
N ARG A 143 -8.06 13.86 5.82
CA ARG A 143 -6.70 13.37 5.73
C ARG A 143 -5.68 14.47 5.41
N GLU A 144 -6.12 15.50 4.69
N GLU A 144 -6.14 15.53 4.76
CA GLU A 144 -5.18 16.53 4.27
CA GLU A 144 -5.25 16.58 4.28
C GLU A 144 -4.66 17.30 5.48
C GLU A 144 -4.66 17.42 5.41
N ALA A 145 -3.35 17.32 5.62
CA ALA A 145 -2.71 18.08 6.68
C ALA A 145 -1.31 18.47 6.23
N LYS A 146 -0.79 19.55 6.79
CA LYS A 146 0.54 20.00 6.41
C LYS A 146 1.40 20.29 7.63
N VAL A 147 2.66 19.85 7.57
CA VAL A 147 3.64 20.17 8.59
CA VAL A 147 3.63 20.20 8.58
C VAL A 147 4.82 20.92 7.98
N GLN A 148 5.26 21.96 8.66
CA GLN A 148 6.46 22.68 8.30
C GLN A 148 7.38 22.70 9.51
N TRP A 149 8.67 22.47 9.27
CA TRP A 149 9.67 22.54 10.33
C TRP A 149 10.34 23.91 10.32
N LYS A 150 10.48 24.52 11.49
CA LYS A 150 11.24 25.76 11.61
C LYS A 150 12.30 25.60 12.70
N VAL A 151 13.53 25.98 12.36
CA VAL A 151 14.64 25.86 13.27
C VAL A 151 15.22 27.26 13.46
N ASP A 152 15.11 27.80 14.67
CA ASP A 152 15.41 29.20 14.94
C ASP A 152 14.70 30.10 13.91
N ASN A 153 13.43 29.76 13.70
CA ASN A 153 12.53 30.50 12.81
CA ASN A 153 12.50 30.47 12.81
C ASN A 153 12.86 30.35 11.33
N ALA A 154 13.82 29.49 11.01
CA ALA A 154 14.21 29.28 9.62
C ALA A 154 13.47 28.08 9.04
N LEU A 155 12.70 28.32 7.98
CA LEU A 155 11.93 27.25 7.36
C LEU A 155 12.87 26.19 6.76
N GLN A 156 12.64 24.93 7.12
CA GLN A 156 13.49 23.82 6.68
C GLN A 156 12.98 23.21 5.39
N SER A 157 13.89 22.75 4.54
CA SER A 157 13.50 22.06 3.33
C SER A 157 14.42 20.88 3.09
N GLY A 158 13.85 19.73 2.74
CA GLY A 158 14.64 18.61 2.26
C GLY A 158 15.27 17.72 3.31
N ASN A 159 15.04 18.02 4.58
CA ASN A 159 15.63 17.23 5.66
C ASN A 159 14.55 16.60 6.55
N SER A 160 13.35 16.44 6.02
CA SER A 160 12.28 15.75 6.74
C SER A 160 11.56 14.73 5.86
N GLN A 161 11.03 13.69 6.52
CA GLN A 161 10.17 12.72 5.85
C GLN A 161 8.95 12.46 6.69
N GLU A 162 7.84 12.13 6.04
CA GLU A 162 6.63 11.86 6.80
C GLU A 162 5.91 10.66 6.26
N SER A 163 5.04 10.11 7.10
CA SER A 163 4.09 9.11 6.61
C SER A 163 2.81 9.17 7.43
N VAL A 164 1.79 8.51 6.90
CA VAL A 164 0.42 8.64 7.37
C VAL A 164 -0.14 7.24 7.59
N THR A 165 -0.85 7.04 8.70
CA THR A 165 -1.52 5.76 8.91
C THR A 165 -2.73 5.56 7.99
N GLU A 166 -3.16 4.31 7.85
CA GLU A 166 -4.45 4.04 7.24
C GLU A 166 -5.54 4.56 8.17
N GLN A 167 -6.72 4.80 7.62
CA GLN A 167 -7.84 5.30 8.42
C GLN A 167 -8.11 4.33 9.57
N ASP A 168 -8.19 4.87 10.79
CA ASP A 168 -8.41 4.07 11.97
C ASP A 168 -9.75 3.32 11.91
N SER A 169 -9.71 2.01 12.17
CA SER A 169 -10.89 1.18 11.97
C SER A 169 -11.97 1.47 13.02
N LYS A 170 -11.58 2.11 14.12
CA LYS A 170 -12.52 2.40 15.20
C LYS A 170 -13.07 3.82 15.15
N ASP A 171 -12.20 4.82 15.03
CA ASP A 171 -12.68 6.20 15.09
C ASP A 171 -12.54 6.96 13.77
N SER A 172 -12.06 6.28 12.74
CA SER A 172 -12.01 6.81 11.36
C SER A 172 -11.13 8.04 11.20
N THR A 173 -10.16 8.20 12.09
CA THR A 173 -9.21 9.30 11.95
C THR A 173 -7.91 8.85 11.30
N TYR A 174 -7.07 9.82 10.98
CA TYR A 174 -5.72 9.60 10.46
C TYR A 174 -4.71 10.14 11.47
N SER A 175 -3.49 9.61 11.43
CA SER A 175 -2.38 10.26 12.12
C SER A 175 -1.20 10.36 11.19
N LEU A 176 -0.32 11.32 11.48
CA LEU A 176 0.82 11.60 10.63
C LEU A 176 2.03 11.83 11.50
N SER A 177 3.16 11.28 11.10
CA SER A 177 4.41 11.51 11.82
CA SER A 177 4.40 11.54 11.82
C SER A 177 5.43 12.09 10.84
N SER A 178 6.13 13.14 11.26
CA SER A 178 7.19 13.74 10.43
C SER A 178 8.48 13.75 11.22
N THR A 179 9.60 13.39 10.57
CA THR A 179 10.88 13.29 11.24
C THR A 179 11.86 14.23 10.57
N LEU A 180 12.43 15.13 11.36
CA LEU A 180 13.50 16.03 10.91
C LEU A 180 14.83 15.41 11.31
N THR A 181 15.76 15.26 10.36
CA THR A 181 17.01 14.62 10.69
C THR A 181 18.20 15.54 10.43
N LEU A 182 19.05 15.67 11.43
CA LEU A 182 20.28 16.47 11.34
C LEU A 182 21.44 15.72 11.96
N SER A 183 22.67 16.06 11.59
CA SER A 183 23.80 15.56 12.33
C SER A 183 23.78 16.16 13.73
N LYS A 184 24.45 15.50 14.68
CA LYS A 184 24.54 16.02 16.03
C LYS A 184 25.13 17.42 16.02
N ALA A 185 26.21 17.59 15.26
CA ALA A 185 26.89 18.87 15.20
C ALA A 185 25.96 19.99 14.71
N ASP A 186 25.16 19.70 13.70
CA ASP A 186 24.27 20.72 13.16
C ASP A 186 23.10 20.97 14.11
N TYR A 187 22.62 19.91 14.74
CA TYR A 187 21.55 20.04 15.73
C TYR A 187 21.99 20.98 16.86
N GLU A 188 23.26 20.88 17.25
CA GLU A 188 23.75 21.65 18.37
C GLU A 188 24.03 23.11 18.03
N LYS A 189 23.88 23.48 16.76
CA LYS A 189 24.09 24.86 16.33
C LYS A 189 22.88 25.75 16.57
N HIS A 190 21.74 25.14 16.88
CA HIS A 190 20.48 25.86 16.93
C HIS A 190 19.74 25.62 18.23
N LYS A 191 18.84 26.53 18.57
CA LYS A 191 18.17 26.47 19.87
C LYS A 191 16.72 26.01 19.75
N VAL A 192 15.94 26.70 18.94
CA VAL A 192 14.50 26.46 18.90
C VAL A 192 14.10 25.54 17.76
N TYR A 193 13.47 24.42 18.10
CA TYR A 193 12.96 23.45 17.14
C TYR A 193 11.44 23.45 17.17
N ALA A 194 10.82 23.71 16.02
CA ALA A 194 9.38 23.88 15.98
C ALA A 194 8.73 23.19 14.80
N CYS A 195 7.57 22.61 15.03
CA CYS A 195 6.79 22.14 13.91
CA CYS A 195 6.74 22.04 13.99
C CYS A 195 5.46 22.86 13.89
N GLU A 196 5.10 23.29 12.69
CA GLU A 196 3.94 24.13 12.48
C GLU A 196 2.92 23.38 11.63
N VAL A 197 1.69 23.28 12.13
CA VAL A 197 0.71 22.37 11.54
C VAL A 197 -0.52 23.11 11.03
N THR A 198 -0.95 22.77 9.82
CA THR A 198 -2.16 23.34 9.21
CA THR A 198 -2.19 23.33 9.29
C THR A 198 -3.16 22.22 8.89
N HIS A 199 -4.45 22.52 9.06
CA HIS A 199 -5.50 21.53 8.88
C HIS A 199 -6.86 22.24 8.82
N GLN A 200 -7.83 21.64 8.11
CA GLN A 200 -9.18 22.20 8.01
C GLN A 200 -9.79 22.49 9.38
N GLY A 201 -9.47 21.64 10.35
CA GLY A 201 -10.02 21.76 11.68
C GLY A 201 -9.39 22.85 12.54
N LEU A 202 -8.35 23.48 12.00
CA LEU A 202 -7.64 24.56 12.70
C LEU A 202 -7.92 25.91 12.04
N SER A 203 -8.28 26.89 12.86
CA SER A 203 -8.56 28.24 12.35
C SER A 203 -7.27 28.99 12.05
N SER A 204 -6.21 28.60 12.76
CA SER A 204 -4.87 29.16 12.57
CA SER A 204 -4.88 29.16 12.55
C SER A 204 -3.84 28.07 12.82
N PRO A 205 -2.63 28.20 12.26
CA PRO A 205 -1.65 27.13 12.48
C PRO A 205 -1.31 26.86 13.94
N VAL A 206 -1.08 25.59 14.26
CA VAL A 206 -0.62 25.20 15.59
C VAL A 206 0.88 24.95 15.56
N THR A 207 1.60 25.54 16.51
CA THR A 207 3.03 25.32 16.60
C THR A 207 3.36 24.66 17.92
N LYS A 208 4.11 23.57 17.84
CA LYS A 208 4.70 22.95 19.03
C LYS A 208 6.20 23.09 18.91
N SER A 209 6.85 23.45 20.00
CA SER A 209 8.29 23.65 19.95
C SER A 209 8.99 23.32 21.25
N PHE A 210 10.32 23.17 21.16
CA PHE A 210 11.16 23.07 22.35
C PHE A 210 12.46 23.80 22.13
N ASN A 211 13.12 24.17 23.23
CA ASN A 211 14.47 24.70 23.19
C ASN A 211 15.45 23.59 23.48
N ARG A 212 16.43 23.41 22.60
CA ARG A 212 17.40 22.33 22.75
C ARG A 212 18.10 22.39 24.10
N GLY A 213 18.06 21.28 24.83
CA GLY A 213 18.75 21.19 26.09
C GLY A 213 18.02 21.71 27.32
N GLU A 214 16.71 21.93 27.20
CA GLU A 214 15.91 22.34 28.35
C GLU A 214 15.09 21.18 28.90
N GLN B 1 -10.63 -26.13 -6.28
CA GLN B 1 -10.30 -24.72 -6.10
C GLN B 1 -8.91 -24.39 -6.64
N VAL B 2 -8.78 -23.24 -7.28
CA VAL B 2 -7.50 -22.80 -7.83
C VAL B 2 -6.69 -22.03 -6.77
N GLN B 3 -5.42 -22.39 -6.63
CA GLN B 3 -4.52 -21.74 -5.68
C GLN B 3 -3.23 -21.35 -6.38
N LEU B 4 -2.82 -20.10 -6.23
CA LEU B 4 -1.56 -19.62 -6.81
C LEU B 4 -0.58 -19.25 -5.70
N VAL B 5 0.58 -19.89 -5.68
CA VAL B 5 1.57 -19.63 -4.64
C VAL B 5 2.86 -19.11 -5.23
N GLN B 6 3.26 -17.91 -4.82
CA GLN B 6 4.42 -17.24 -5.39
C GLN B 6 5.67 -17.44 -4.55
N SER B 7 6.83 -17.26 -5.17
CA SER B 7 8.09 -17.30 -4.44
C SER B 7 8.18 -16.11 -3.48
N GLY B 8 9.10 -16.17 -2.53
CA GLY B 8 9.21 -15.14 -1.49
C GLY B 8 9.86 -13.83 -1.88
N ALA B 9 9.79 -12.85 -0.98
CA ALA B 9 10.40 -11.53 -1.25
C ALA B 9 11.87 -11.62 -1.66
N GLU B 10 12.34 -10.70 -2.49
CA GLU B 10 13.75 -10.68 -2.83
CA GLU B 10 13.75 -10.68 -2.83
C GLU B 10 14.29 -9.28 -3.03
N VAL B 11 15.52 -9.08 -2.55
CA VAL B 11 16.25 -7.86 -2.75
C VAL B 11 17.15 -8.05 -3.95
N LYS B 12 17.12 -7.11 -4.90
CA LYS B 12 17.91 -7.20 -6.13
C LYS B 12 18.73 -5.93 -6.33
N ARG B 13 19.95 -6.10 -6.81
CA ARG B 13 20.81 -4.93 -7.10
C ARG B 13 20.33 -4.22 -8.37
N PRO B 14 20.49 -2.88 -8.41
CA PRO B 14 20.22 -2.16 -9.65
C PRO B 14 20.98 -2.76 -10.84
N GLY B 15 20.28 -2.92 -11.96
CA GLY B 15 20.87 -3.48 -13.16
C GLY B 15 20.71 -4.98 -13.31
N SER B 16 20.30 -5.64 -12.21
CA SER B 16 20.20 -7.10 -12.24
C SER B 16 18.85 -7.54 -12.82
N SER B 17 18.66 -8.86 -12.90
CA SER B 17 17.40 -9.43 -13.36
CA SER B 17 17.40 -9.45 -13.38
C SER B 17 16.75 -10.25 -12.25
N VAL B 18 15.42 -10.18 -12.15
CA VAL B 18 14.72 -10.95 -11.12
C VAL B 18 13.81 -11.97 -11.79
N THR B 19 13.71 -13.15 -11.19
CA THR B 19 12.75 -14.16 -11.61
C THR B 19 11.76 -14.39 -10.49
N VAL B 20 10.48 -14.23 -10.80
CA VAL B 20 9.44 -14.53 -9.82
C VAL B 20 8.64 -15.72 -10.30
N SER B 21 8.36 -16.66 -9.40
CA SER B 21 7.63 -17.87 -9.80
C SER B 21 6.22 -17.91 -9.21
N CYS B 22 5.33 -18.63 -9.89
CA CYS B 22 3.94 -18.73 -9.50
C CYS B 22 3.46 -20.16 -9.74
N LYS B 23 3.33 -20.95 -8.67
CA LYS B 23 2.93 -22.35 -8.79
C LYS B 23 1.42 -22.50 -8.57
N ALA B 24 0.75 -23.11 -9.55
CA ALA B 24 -0.69 -23.26 -9.51
C ALA B 24 -1.11 -24.68 -9.15
N SER B 25 -2.20 -24.76 -8.41
CA SER B 25 -2.85 -26.05 -8.17
C SER B 25 -4.36 -25.90 -8.36
N GLY B 26 -5.01 -26.95 -8.84
CA GLY B 26 -6.43 -26.90 -9.15
C GLY B 26 -6.71 -26.36 -10.53
N GLY B 27 -7.91 -26.63 -11.05
CA GLY B 27 -8.29 -26.17 -12.38
C GLY B 27 -7.36 -26.69 -13.46
N SER B 28 -7.35 -25.99 -14.60
CA SER B 28 -6.46 -26.35 -15.69
C SER B 28 -5.35 -25.31 -15.83
N PHE B 29 -4.10 -25.77 -15.81
CA PHE B 29 -2.97 -24.87 -15.93
C PHE B 29 -2.75 -24.43 -17.37
N SER B 30 -2.88 -25.36 -18.31
CA SER B 30 -2.44 -25.10 -19.68
CA SER B 30 -2.43 -25.08 -19.67
C SER B 30 -3.44 -24.31 -20.52
N THR B 31 -4.74 -24.40 -20.19
CA THR B 31 -5.74 -23.78 -21.07
C THR B 31 -6.37 -22.50 -20.51
N TYR B 32 -5.77 -21.93 -19.48
CA TYR B 32 -6.25 -20.65 -18.98
C TYR B 32 -5.11 -19.64 -18.91
N ALA B 33 -5.45 -18.38 -19.13
CA ALA B 33 -4.47 -17.30 -19.27
C ALA B 33 -3.95 -16.83 -17.91
N LEU B 34 -2.63 -16.74 -17.81
CA LEU B 34 -1.96 -16.36 -16.58
C LEU B 34 -1.28 -15.02 -16.81
N SER B 35 -1.63 -14.03 -16.00
CA SER B 35 -1.00 -12.69 -16.15
C SER B 35 -0.17 -12.28 -14.95
N TRP B 36 0.67 -11.27 -15.18
CA TRP B 36 1.42 -10.66 -14.11
C TRP B 36 1.02 -9.19 -13.97
N VAL B 37 0.82 -8.75 -12.74
CA VAL B 37 0.34 -7.41 -12.44
C VAL B 37 1.22 -6.87 -11.33
N ARG B 38 1.69 -5.63 -11.41
CA ARG B 38 2.50 -5.15 -10.30
C ARG B 38 1.90 -3.90 -9.67
N GLN B 39 2.37 -3.63 -8.47
CA GLN B 39 1.91 -2.48 -7.72
C GLN B 39 3.06 -1.85 -6.96
N ALA B 40 3.54 -0.70 -7.44
CA ALA B 40 4.59 0.02 -6.73
C ALA B 40 4.03 0.59 -5.43
N PRO B 41 4.89 0.83 -4.42
CA PRO B 41 4.38 1.23 -3.11
C PRO B 41 3.52 2.50 -3.17
N GLY B 42 2.28 2.40 -2.72
CA GLY B 42 1.38 3.54 -2.69
C GLY B 42 0.76 3.89 -4.02
N ARG B 43 0.93 3.04 -5.01
CA ARG B 43 0.44 3.33 -6.36
CA ARG B 43 0.49 3.30 -6.37
C ARG B 43 -0.58 2.30 -6.80
N GLY B 44 -1.08 2.44 -8.02
CA GLY B 44 -2.13 1.56 -8.50
C GLY B 44 -1.62 0.29 -9.16
N LEU B 45 -2.55 -0.51 -9.68
CA LEU B 45 -2.23 -1.77 -10.34
C LEU B 45 -1.78 -1.53 -11.77
N GLU B 46 -0.80 -2.29 -12.23
CA GLU B 46 -0.36 -2.18 -13.61
C GLU B 46 -0.21 -3.54 -14.25
N TRP B 47 -0.95 -3.80 -15.33
CA TRP B 47 -0.86 -5.08 -16.04
C TRP B 47 0.43 -5.11 -16.84
N MET B 48 1.22 -6.18 -16.67
CA MET B 48 2.50 -6.28 -17.36
C MET B 48 2.48 -7.17 -18.60
N GLY B 49 1.76 -8.28 -18.52
CA GLY B 49 1.73 -9.24 -19.61
C GLY B 49 1.18 -10.57 -19.13
N GLY B 50 1.05 -11.52 -20.06
CA GLY B 50 0.56 -12.83 -19.70
C GLY B 50 0.99 -13.91 -20.67
N VAL B 51 0.65 -15.15 -20.33
CA VAL B 51 1.01 -16.30 -21.15
C VAL B 51 -0.14 -17.29 -21.14
N ILE B 52 -0.31 -18.00 -22.27
CA ILE B 52 -1.22 -19.13 -22.38
C ILE B 52 -0.36 -20.36 -22.59
N PRO B 53 -0.21 -21.20 -21.56
CA PRO B 53 0.86 -22.22 -21.59
C PRO B 53 0.72 -23.25 -22.70
N LEU B 54 -0.47 -23.75 -22.97
CA LEU B 54 -0.64 -24.77 -24.01
C LEU B 54 -0.11 -24.32 -25.37
N LEU B 55 -0.25 -23.03 -25.65
CA LEU B 55 0.10 -22.53 -26.98
C LEU B 55 1.42 -21.79 -26.98
N THR B 56 2.03 -21.67 -25.80
CA THR B 56 3.26 -20.90 -25.61
C THR B 56 3.14 -19.52 -26.29
N ILE B 57 2.00 -18.87 -26.05
CA ILE B 57 1.76 -17.54 -26.61
C ILE B 57 1.79 -16.49 -25.52
N THR B 58 2.72 -15.55 -25.64
CA THR B 58 2.79 -14.47 -24.65
C THR B 58 2.19 -13.19 -25.19
N ASN B 59 1.95 -12.24 -24.30
CA ASN B 59 1.33 -10.97 -24.64
C ASN B 59 1.88 -9.96 -23.66
N TYR B 60 2.76 -9.04 -24.11
CA TYR B 60 3.41 -8.10 -23.20
C TYR B 60 2.87 -6.69 -23.39
N ALA B 61 2.69 -5.96 -22.29
CA ALA B 61 2.40 -4.53 -22.35
C ALA B 61 3.54 -3.83 -23.06
N PRO B 62 3.24 -2.88 -23.95
CA PRO B 62 4.31 -2.19 -24.68
C PRO B 62 5.40 -1.63 -23.77
N ARG B 63 5.05 -1.14 -22.59
CA ARG B 63 6.10 -0.50 -21.81
CA ARG B 63 6.03 -0.53 -21.70
C ARG B 63 7.06 -1.52 -21.17
N PHE B 64 6.77 -2.81 -21.29
CA PHE B 64 7.68 -3.83 -20.79
C PHE B 64 8.27 -4.70 -21.90
N GLN B 65 7.81 -4.48 -23.13
CA GLN B 65 8.29 -5.26 -24.27
C GLN B 65 9.78 -5.01 -24.49
N GLY B 66 10.59 -6.04 -24.30
CA GLY B 66 12.03 -5.91 -24.44
C GLY B 66 12.72 -5.99 -23.09
N ARG B 67 11.94 -5.92 -22.02
CA ARG B 67 12.52 -6.00 -20.70
C ARG B 67 11.97 -7.17 -19.86
N ILE B 68 10.91 -7.82 -20.34
CA ILE B 68 10.37 -8.97 -19.60
C ILE B 68 10.26 -10.23 -20.43
N THR B 69 10.25 -11.36 -19.73
CA THR B 69 9.97 -12.66 -20.34
C THR B 69 9.00 -13.38 -19.43
N ILE B 70 7.92 -13.91 -19.99
CA ILE B 70 7.02 -14.75 -19.20
C ILE B 70 7.06 -16.16 -19.79
N THR B 71 7.24 -17.15 -18.93
CA THR B 71 7.29 -18.54 -19.38
C THR B 71 6.42 -19.43 -18.48
N ALA B 72 6.09 -20.61 -19.00
CA ALA B 72 5.23 -21.54 -18.26
C ALA B 72 5.82 -22.93 -18.36
N ASP B 73 5.78 -23.66 -17.26
CA ASP B 73 6.29 -25.03 -17.21
C ASP B 73 5.15 -25.95 -16.82
N ARG B 74 4.62 -26.65 -17.81
CA ARG B 74 3.46 -27.51 -17.58
C ARG B 74 3.74 -28.70 -16.68
N SER B 75 5.01 -29.09 -16.55
CA SER B 75 5.34 -30.26 -15.75
C SER B 75 5.18 -29.98 -14.27
N THR B 76 5.29 -28.71 -13.89
CA THR B 76 5.20 -28.29 -12.50
C THR B 76 4.05 -27.31 -12.26
N SER B 77 3.33 -26.99 -13.34
CA SER B 77 2.26 -25.99 -13.29
C SER B 77 2.76 -24.67 -12.71
N THR B 78 3.97 -24.29 -13.11
CA THR B 78 4.57 -23.07 -12.60
C THR B 78 4.76 -22.06 -13.73
N ALA B 79 4.40 -20.81 -13.47
CA ALA B 79 4.66 -19.73 -14.42
C ALA B 79 5.75 -18.84 -13.86
N TYR B 80 6.50 -18.19 -14.74
CA TYR B 80 7.63 -17.38 -14.33
C TYR B 80 7.59 -15.99 -14.97
N LEU B 81 7.96 -14.97 -14.19
CA LEU B 81 8.17 -13.62 -14.71
C LEU B 81 9.64 -13.29 -14.55
N GLU B 82 10.30 -12.93 -15.66
CA GLU B 82 11.65 -12.34 -15.61
C GLU B 82 11.55 -10.86 -15.92
N LEU B 83 12.14 -10.03 -15.07
CA LEU B 83 12.23 -8.60 -15.34
C LEU B 83 13.69 -8.18 -15.28
N ASN B 84 14.17 -7.57 -16.36
CA ASN B 84 15.61 -7.27 -16.51
C ASN B 84 15.96 -5.81 -16.30
N SER B 85 17.25 -5.56 -16.10
CA SER B 85 17.77 -4.20 -16.02
CA SER B 85 17.78 -4.20 -16.00
C SER B 85 17.04 -3.39 -14.95
N LEU B 86 16.99 -3.92 -13.73
CA LEU B 86 16.15 -3.35 -12.68
C LEU B 86 16.58 -1.96 -12.24
N ARG B 87 15.58 -1.12 -12.00
CA ARG B 87 15.81 0.24 -11.52
CA ARG B 87 15.81 0.24 -11.52
C ARG B 87 15.01 0.43 -10.23
N PRO B 88 15.30 1.49 -9.47
CA PRO B 88 14.52 1.69 -8.23
C PRO B 88 13.00 1.76 -8.45
N GLU B 89 12.59 2.26 -9.61
CA GLU B 89 11.18 2.37 -9.95
C GLU B 89 10.52 1.01 -10.13
N ASP B 90 11.32 -0.06 -10.20
CA ASP B 90 10.77 -1.42 -10.33
C ASP B 90 10.47 -2.07 -8.99
N THR B 91 10.84 -1.39 -7.90
CA THR B 91 10.44 -1.85 -6.56
C THR B 91 8.92 -1.87 -6.49
N ALA B 92 8.35 -3.05 -6.23
CA ALA B 92 6.91 -3.24 -6.29
C ALA B 92 6.54 -4.59 -5.73
N VAL B 93 5.26 -4.76 -5.46
CA VAL B 93 4.74 -6.09 -5.20
C VAL B 93 4.28 -6.64 -6.56
N TYR B 94 4.76 -7.82 -6.93
CA TYR B 94 4.39 -8.44 -8.19
C TYR B 94 3.39 -9.55 -7.95
N TYR B 95 2.25 -9.51 -8.65
CA TYR B 95 1.20 -10.54 -8.50
C TYR B 95 1.07 -11.38 -9.74
N CYS B 96 0.91 -12.69 -9.54
CA CYS B 96 0.42 -13.48 -10.65
CA CYS B 96 0.43 -13.64 -10.52
C CYS B 96 -1.10 -13.60 -10.50
N ALA B 97 -1.80 -13.68 -11.63
CA ALA B 97 -3.26 -13.75 -11.61
C ALA B 97 -3.77 -14.58 -12.76
N ARG B 98 -4.71 -15.48 -12.48
CA ARG B 98 -5.25 -16.31 -13.53
CA ARG B 98 -5.26 -16.34 -13.51
C ARG B 98 -6.71 -15.94 -13.78
N GLU B 99 -7.13 -16.00 -15.04
CA GLU B 99 -8.52 -15.68 -15.36
C GLU B 99 -9.48 -16.65 -14.67
N GLY B 100 -10.66 -16.16 -14.39
CA GLY B 100 -11.70 -17.01 -13.81
C GLY B 100 -12.44 -17.86 -14.82
N THR B 101 -13.38 -18.63 -14.30
CA THR B 101 -14.25 -19.45 -15.13
C THR B 101 -15.71 -19.29 -14.67
N THR B 102 -16.65 -19.56 -15.56
CA THR B 102 -18.06 -19.49 -15.22
C THR B 102 -18.52 -20.81 -14.62
N GLY B 103 -19.80 -20.84 -14.22
CA GLY B 103 -20.44 -22.07 -13.78
C GLY B 103 -19.82 -22.71 -12.56
N TRP B 104 -20.24 -23.92 -12.26
CA TRP B 104 -19.67 -24.68 -11.14
C TRP B 104 -18.29 -25.20 -11.50
N GLY B 105 -17.47 -25.45 -10.49
CA GLY B 105 -16.13 -25.97 -10.70
C GLY B 105 -15.17 -24.93 -11.24
N TRP B 106 -14.04 -25.40 -11.77
CA TRP B 106 -13.00 -24.51 -12.27
C TRP B 106 -12.49 -24.93 -13.64
N LEU B 107 -13.35 -25.59 -14.41
CA LEU B 107 -13.00 -26.03 -15.77
C LEU B 107 -13.99 -25.52 -16.80
N GLY B 108 -14.72 -24.47 -16.42
CA GLY B 108 -15.74 -23.91 -17.29
C GLY B 108 -15.20 -22.89 -18.26
N LYS B 109 -16.12 -22.20 -18.90
CA LYS B 109 -15.82 -21.15 -19.86
C LYS B 109 -14.97 -20.06 -19.19
N PRO B 110 -13.83 -19.72 -19.79
CA PRO B 110 -13.00 -18.66 -19.20
C PRO B 110 -13.66 -17.28 -19.31
N ILE B 111 -13.37 -16.41 -18.35
CA ILE B 111 -14.00 -15.08 -18.30
C ILE B 111 -13.03 -13.93 -18.58
N GLY B 112 -11.74 -14.23 -18.81
CA GLY B 112 -10.76 -13.19 -19.13
C GLY B 112 -10.31 -12.38 -17.90
N ALA B 113 -11.28 -11.86 -17.15
CA ALA B 113 -10.99 -11.13 -15.90
C ALA B 113 -10.29 -12.03 -14.88
N PHE B 114 -9.54 -11.41 -13.97
CA PHE B 114 -8.64 -12.15 -13.05
C PHE B 114 -9.32 -12.51 -11.75
N ALA B 115 -9.76 -13.76 -11.64
CA ALA B 115 -10.45 -14.21 -10.42
C ALA B 115 -9.49 -14.74 -9.38
N HIS B 116 -8.37 -15.28 -9.83
CA HIS B 116 -7.47 -16.00 -8.93
C HIS B 116 -6.15 -15.27 -8.85
N TRP B 117 -5.75 -14.91 -7.63
CA TRP B 117 -4.54 -14.12 -7.43
C TRP B 117 -3.54 -14.84 -6.51
N GLY B 118 -2.25 -14.73 -6.83
CA GLY B 118 -1.21 -15.14 -5.89
C GLY B 118 -1.14 -14.15 -4.73
N GLN B 119 -0.26 -14.43 -3.75
CA GLN B 119 -0.21 -13.62 -2.54
C GLN B 119 0.70 -12.42 -2.72
N GLY B 120 1.36 -12.37 -3.86
CA GLY B 120 2.28 -11.28 -4.16
C GLY B 120 3.71 -11.58 -3.75
N THR B 121 4.64 -10.96 -4.46
CA THR B 121 6.07 -11.07 -4.19
C THR B 121 6.65 -9.68 -4.18
N LEU B 122 7.18 -9.27 -3.04
CA LEU B 122 7.85 -7.97 -2.96
C LEU B 122 9.25 -8.04 -3.54
N VAL B 123 9.49 -7.26 -4.58
CA VAL B 123 10.83 -7.14 -5.15
C VAL B 123 11.35 -5.75 -4.81
N THR B 124 12.45 -5.72 -4.06
CA THR B 124 13.03 -4.43 -3.66
C THR B 124 14.34 -4.25 -4.40
N VAL B 125 14.42 -3.20 -5.22
CA VAL B 125 15.64 -2.89 -5.96
C VAL B 125 16.47 -1.89 -5.14
N SER B 126 17.65 -2.33 -4.72
CA SER B 126 18.42 -1.57 -3.75
C SER B 126 19.85 -2.02 -3.70
N SER B 127 20.75 -1.09 -3.35
CA SER B 127 22.13 -1.42 -3.09
C SER B 127 22.44 -1.65 -1.62
N ALA B 128 21.42 -1.56 -0.77
CA ALA B 128 21.61 -1.66 0.69
C ALA B 128 21.91 -3.08 1.15
N SER B 129 22.58 -3.20 2.30
CA SER B 129 22.80 -4.48 2.93
C SER B 129 21.94 -4.64 4.18
N THR B 130 21.70 -5.88 4.56
CA THR B 130 20.92 -6.16 5.77
C THR B 130 21.53 -5.42 6.95
N LYS B 131 20.67 -4.75 7.70
CA LYS B 131 21.05 -4.00 8.88
C LYS B 131 19.92 -3.98 9.89
N GLY B 132 20.23 -4.23 11.16
CA GLY B 132 19.26 -4.13 12.23
C GLY B 132 19.08 -2.69 12.69
N PRO B 133 17.86 -2.33 13.13
CA PRO B 133 17.58 -0.98 13.58
C PRO B 133 18.10 -0.66 14.98
N SER B 134 18.32 0.63 15.21
CA SER B 134 18.39 1.12 16.57
C SER B 134 16.97 1.46 16.99
N VAL B 135 16.69 1.35 18.28
CA VAL B 135 15.36 1.68 18.79
C VAL B 135 15.48 2.78 19.83
N PHE B 136 14.98 3.96 19.50
CA PHE B 136 15.10 5.14 20.36
C PHE B 136 13.76 5.50 20.95
N PRO B 137 13.74 5.93 22.22
CA PRO B 137 12.47 6.34 22.82
C PRO B 137 11.97 7.69 22.31
N LEU B 138 10.66 7.79 22.18
CA LEU B 138 9.98 9.08 22.03
C LEU B 138 9.31 9.35 23.37
N ALA B 139 10.05 10.04 24.23
CA ALA B 139 9.64 10.23 25.62
C ALA B 139 8.41 11.12 25.78
N PRO B 140 7.48 10.75 26.68
CA PRO B 140 6.29 11.58 26.89
C PRO B 140 6.66 12.95 27.48
N GLY B 148 -4.71 15.19 31.47
CA GLY B 148 -4.83 15.25 30.03
C GLY B 148 -4.35 13.98 29.35
N THR B 149 -3.90 14.12 28.10
CA THR B 149 -3.42 12.99 27.32
C THR B 149 -1.95 13.18 27.00
N ALA B 150 -1.16 12.12 27.18
CA ALA B 150 0.24 12.16 26.80
C ALA B 150 0.49 11.24 25.63
N ALA B 151 1.47 11.59 24.80
CA ALA B 151 1.89 10.75 23.70
C ALA B 151 3.31 10.27 23.95
N LEU B 152 3.58 9.02 23.60
CA LEU B 152 4.92 8.48 23.69
C LEU B 152 5.09 7.47 22.56
N GLY B 153 6.32 7.03 22.32
CA GLY B 153 6.52 6.13 21.22
C GLY B 153 7.93 5.59 21.10
N CYS B 154 8.20 4.92 19.98
CA CYS B 154 9.54 4.44 19.68
CA CYS B 154 9.56 4.52 19.69
C CYS B 154 9.88 4.75 18.24
N LEU B 155 11.13 5.14 18.01
CA LEU B 155 11.65 5.41 16.70
C LEU B 155 12.55 4.25 16.33
N VAL B 156 12.17 3.51 15.28
CA VAL B 156 12.91 2.34 14.84
C VAL B 156 13.70 2.73 13.59
N LYS B 157 14.97 3.03 13.77
CA LYS B 157 15.70 3.76 12.72
C LYS B 157 16.82 2.94 12.07
N ASP B 158 16.93 3.08 10.75
CA ASP B 158 18.05 2.55 9.96
C ASP B 158 18.09 1.03 9.88
N TYR B 159 17.06 0.43 9.29
CA TYR B 159 17.08 -1.00 9.06
C TYR B 159 16.89 -1.34 7.60
N PHE B 160 17.24 -2.57 7.23
CA PHE B 160 17.05 -3.07 5.87
C PHE B 160 17.18 -4.59 5.93
N PRO B 161 16.35 -5.32 5.17
CA PRO B 161 15.20 -4.87 4.38
C PRO B 161 13.95 -4.77 5.24
N GLU B 162 12.82 -4.48 4.62
N GLU B 162 12.82 -4.51 4.61
CA GLU B 162 11.53 -4.57 5.30
CA GLU B 162 11.54 -4.61 5.29
C GLU B 162 11.25 -6.05 5.59
C GLU B 162 11.25 -6.06 5.60
N PRO B 163 10.36 -6.33 6.58
CA PRO B 163 9.65 -5.39 7.42
C PRO B 163 10.12 -5.40 8.85
N VAL B 164 9.66 -4.43 9.63
N VAL B 164 9.61 -4.44 9.63
CA VAL B 164 9.74 -4.55 11.08
CA VAL B 164 9.74 -4.41 11.08
C VAL B 164 8.33 -4.62 11.60
C VAL B 164 8.36 -4.45 11.71
N THR B 165 8.17 -5.24 12.76
CA THR B 165 6.90 -5.23 13.44
C THR B 165 7.08 -4.66 14.84
N VAL B 166 6.04 -4.02 15.34
CA VAL B 166 6.06 -3.36 16.63
C VAL B 166 4.81 -3.73 17.39
N SER B 167 4.98 -4.11 18.66
CA SER B 167 3.82 -4.22 19.56
C SER B 167 4.10 -3.38 20.80
N TRP B 168 3.10 -3.21 21.67
CA TRP B 168 3.31 -2.51 22.93
C TRP B 168 2.90 -3.38 24.09
N ASN B 169 3.73 -3.43 25.13
CA ASN B 169 3.47 -4.20 26.33
C ASN B 169 3.11 -5.65 25.99
N SER B 170 3.84 -6.19 25.02
CA SER B 170 3.71 -7.58 24.58
C SER B 170 2.33 -7.88 24.02
N GLY B 171 1.72 -6.86 23.44
CA GLY B 171 0.43 -7.02 22.81
C GLY B 171 -0.74 -6.66 23.71
N ALA B 172 -0.48 -6.35 24.98
CA ALA B 172 -1.58 -6.03 25.90
C ALA B 172 -2.13 -4.63 25.65
N LEU B 173 -1.32 -3.78 25.01
CA LEU B 173 -1.72 -2.42 24.70
C LEU B 173 -1.89 -2.25 23.20
N THR B 174 -3.14 -2.04 22.77
CA THR B 174 -3.42 -1.78 21.35
C THR B 174 -4.27 -0.52 21.16
N SER B 175 -5.08 -0.16 22.15
CA SER B 175 -5.90 1.03 22.06
CA SER B 175 -5.90 1.03 22.05
C SER B 175 -5.04 2.29 21.95
N GLY B 176 -5.28 3.09 20.92
CA GLY B 176 -4.55 4.34 20.75
C GLY B 176 -3.17 4.17 20.14
N VAL B 177 -2.81 2.94 19.77
CA VAL B 177 -1.53 2.71 19.10
C VAL B 177 -1.59 3.05 17.62
N HIS B 178 -0.59 3.79 17.13
CA HIS B 178 -0.44 4.07 15.71
C HIS B 178 0.96 3.73 15.29
N THR B 179 1.09 2.75 14.40
CA THR B 179 2.40 2.37 13.88
C THR B 179 2.44 2.81 12.42
N PHE B 180 3.38 3.71 12.11
CA PHE B 180 3.38 4.34 10.80
C PHE B 180 4.04 3.49 9.72
N PRO B 181 3.64 3.69 8.45
CA PRO B 181 4.41 3.09 7.35
C PRO B 181 5.86 3.50 7.44
N ALA B 182 6.76 2.59 7.07
CA ALA B 182 8.19 2.93 7.01
C ALA B 182 8.45 3.95 5.94
N VAL B 183 9.48 4.74 6.15
CA VAL B 183 9.95 5.65 5.12
C VAL B 183 11.33 5.21 4.68
N LEU B 184 11.62 5.39 3.40
CA LEU B 184 12.93 5.09 2.83
C LEU B 184 13.81 6.34 2.83
N GLN B 185 14.89 6.29 3.60
CA GLN B 185 15.79 7.42 3.78
C GLN B 185 16.79 7.52 2.64
N SER B 186 17.46 8.67 2.55
CA SER B 186 18.42 8.90 1.48
C SER B 186 19.56 7.87 1.52
N SER B 187 19.82 7.31 2.70
CA SER B 187 20.83 6.27 2.86
C SER B 187 20.44 4.94 2.23
N GLY B 188 19.16 4.79 1.93
CA GLY B 188 18.66 3.51 1.42
C GLY B 188 18.19 2.60 2.54
N LEU B 189 18.29 3.07 3.78
CA LEU B 189 17.76 2.32 4.94
C LEU B 189 16.38 2.84 5.31
N TYR B 190 15.56 1.98 5.94
CA TYR B 190 14.23 2.35 6.36
C TYR B 190 14.19 2.89 7.78
N SER B 191 13.16 3.68 8.07
CA SER B 191 12.88 4.10 9.43
CA SER B 191 12.87 4.12 9.42
C SER B 191 11.37 4.02 9.65
N LEU B 192 10.99 3.69 10.88
CA LEU B 192 9.58 3.51 11.22
C LEU B 192 9.33 4.07 12.61
N SER B 193 8.20 4.74 12.82
CA SER B 193 7.83 5.20 14.15
CA SER B 193 7.83 5.22 14.15
C SER B 193 6.54 4.54 14.60
N SER B 194 6.43 4.28 15.89
CA SER B 194 5.19 3.76 16.49
C SER B 194 4.88 4.59 17.71
N VAL B 195 3.64 5.05 17.85
CA VAL B 195 3.29 5.88 18.99
C VAL B 195 2.04 5.38 19.69
N VAL B 196 1.81 5.89 20.89
CA VAL B 196 0.58 5.56 21.59
C VAL B 196 0.21 6.73 22.49
N THR B 197 -1.07 7.00 22.65
CA THR B 197 -1.48 8.05 23.58
C THR B 197 -2.09 7.37 24.81
N VAL B 198 -1.78 7.90 25.98
CA VAL B 198 -2.21 7.33 27.26
C VAL B 198 -2.60 8.45 28.22
N PRO B 199 -3.33 8.13 29.28
CA PRO B 199 -3.57 9.22 30.24
C PRO B 199 -2.27 9.71 30.92
N SER B 200 -2.14 11.03 31.06
CA SER B 200 -0.98 11.62 31.72
C SER B 200 -0.77 11.01 33.10
N SER B 201 -1.86 10.77 33.82
CA SER B 201 -1.78 10.27 35.18
C SER B 201 -1.16 8.88 35.25
N SER B 202 -1.22 8.14 34.14
CA SER B 202 -0.73 6.78 34.09
C SER B 202 0.80 6.72 33.98
N LEU B 203 1.42 7.86 33.71
CA LEU B 203 2.86 7.90 33.44
C LEU B 203 3.71 7.47 34.64
N GLY B 204 3.23 7.74 35.84
CA GLY B 204 3.97 7.37 37.04
C GLY B 204 3.69 5.96 37.49
N THR B 205 2.49 5.46 37.17
CA THR B 205 2.02 4.19 37.72
C THR B 205 1.82 3.09 36.69
N GLN B 206 2.53 3.18 35.56
CA GLN B 206 2.38 2.21 34.48
C GLN B 206 3.58 2.24 33.55
N THR B 207 4.08 1.08 33.19
N THR B 207 4.10 1.08 33.21
CA THR B 207 5.24 0.93 32.31
CA THR B 207 5.25 1.00 32.30
C THR B 207 4.81 0.74 30.86
C THR B 207 4.80 0.78 30.87
N TYR B 208 5.49 1.44 29.95
CA TYR B 208 5.22 1.30 28.53
C TYR B 208 6.47 0.82 27.81
N ILE B 209 6.34 -0.33 27.14
CA ILE B 209 7.46 -1.00 26.49
C ILE B 209 7.14 -1.30 25.04
N CYS B 210 8.01 -0.84 24.13
CA CYS B 210 7.76 -1.19 22.74
CA CYS B 210 7.87 -1.09 22.71
C CYS B 210 8.58 -2.41 22.36
N ASN B 211 7.89 -3.37 21.76
CA ASN B 211 8.50 -4.62 21.36
C ASN B 211 8.78 -4.63 19.86
N VAL B 212 10.05 -4.55 19.49
CA VAL B 212 10.42 -4.41 18.08
C VAL B 212 11.06 -5.68 17.55
N ASN B 213 10.60 -6.11 16.38
CA ASN B 213 11.11 -7.34 15.79
C ASN B 213 11.56 -7.08 14.36
N HIS B 214 12.84 -7.33 14.07
CA HIS B 214 13.32 -7.29 12.69
C HIS B 214 13.95 -8.64 12.39
N LYS B 215 13.18 -9.53 11.79
CA LYS B 215 13.65 -10.90 11.60
C LYS B 215 14.98 -11.04 10.79
N PRO B 216 15.14 -10.28 9.67
CA PRO B 216 16.35 -10.49 8.86
C PRO B 216 17.66 -10.24 9.59
N SER B 217 17.66 -9.35 10.59
CA SER B 217 18.85 -9.11 11.40
C SER B 217 18.80 -9.77 12.78
N ASN B 218 17.74 -10.52 13.06
CA ASN B 218 17.47 -11.08 14.39
C ASN B 218 17.56 -10.00 15.48
N THR B 219 17.08 -8.81 15.16
CA THR B 219 16.99 -7.75 16.16
C THR B 219 15.66 -7.87 16.87
N LYS B 220 15.70 -8.16 18.17
CA LYS B 220 14.49 -8.26 18.96
C LYS B 220 14.69 -7.49 20.24
N VAL B 221 14.11 -6.29 20.26
CA VAL B 221 14.35 -5.34 21.33
C VAL B 221 13.07 -4.97 22.04
N ASP B 222 13.13 -4.90 23.37
CA ASP B 222 11.99 -4.44 24.17
C ASP B 222 12.42 -3.19 24.90
N LYS B 223 12.00 -2.04 24.39
CA LYS B 223 12.48 -0.77 24.87
C LYS B 223 11.49 -0.09 25.80
N LYS B 224 11.91 0.11 27.05
CA LYS B 224 11.08 0.81 28.02
C LYS B 224 11.13 2.31 27.71
N VAL B 225 9.96 2.93 27.62
CA VAL B 225 9.88 4.35 27.27
C VAL B 225 9.42 5.14 28.49
N GLU B 226 10.28 5.98 29.05
CA GLU B 226 9.92 6.76 30.22
C GLU B 226 10.16 8.25 30.04
N PRO B 227 9.46 9.09 30.83
CA PRO B 227 9.64 10.54 30.71
C PRO B 227 11.04 10.99 31.12
N ASN C 1 -7.80 -10.30 -30.32
N ASN C 1 -8.49 -10.70 -30.19
CA ASN C 1 -7.60 -10.10 -28.89
CA ASN C 1 -7.54 -10.33 -29.15
C ASN C 1 -7.06 -11.37 -28.25
C ASN C 1 -6.81 -11.54 -28.60
N TRP C 2 -5.84 -11.28 -27.74
CA TRP C 2 -5.18 -12.35 -26.99
C TRP C 2 -6.11 -12.88 -25.88
N ASP C 4 -9.14 -13.35 -25.94
CA ASP C 4 -10.20 -14.24 -26.45
C ASP C 4 -9.71 -15.65 -26.76
N ILE C 5 -8.40 -15.86 -26.74
CA ILE C 5 -7.85 -17.12 -27.22
C ILE C 5 -8.31 -18.33 -26.38
N THR C 6 -8.32 -18.20 -25.06
CA THR C 6 -8.66 -19.36 -24.23
C THR C 6 -10.14 -19.71 -24.35
N ASN C 7 -10.97 -18.73 -24.70
CA ASN C 7 -12.40 -19.00 -24.93
C ASN C 7 -12.55 -19.94 -26.13
N TRP C 8 -11.73 -19.68 -27.14
N TRP C 8 -11.76 -19.70 -27.17
CA TRP C 8 -11.69 -20.47 -28.37
CA TRP C 8 -11.81 -20.56 -28.35
C TRP C 8 -11.17 -21.88 -28.11
C TRP C 8 -11.24 -21.93 -28.03
N LEU C 9 -10.19 -21.99 -27.22
CA LEU C 9 -9.63 -23.29 -26.83
C LEU C 9 -10.69 -24.11 -26.11
N TRP C 10 -11.45 -23.44 -25.25
CA TRP C 10 -12.52 -24.07 -24.50
C TRP C 10 -13.60 -24.58 -25.45
N TYR C 11 -13.96 -23.76 -26.42
CA TYR C 11 -15.01 -24.10 -27.38
C TYR C 11 -14.63 -25.30 -28.25
N ILE C 12 -13.38 -25.37 -28.69
CA ILE C 12 -12.98 -26.43 -29.61
C ILE C 12 -12.66 -27.73 -28.89
N LYS C 13 -12.56 -27.67 -27.56
CA LYS C 13 -12.44 -28.87 -26.75
C LYS C 13 -13.82 -29.51 -26.57
N LYS C 14 -14.85 -28.67 -26.60
CA LYS C 14 -16.23 -29.14 -26.53
C LYS C 14 -16.60 -29.96 -27.76
N LYS C 15 -16.76 -29.25 -28.88
CA LYS C 15 -17.21 -29.85 -30.13
C LYS C 15 -16.40 -31.08 -30.54
#